data_4KE2
#
_entry.id   4KE2
#
_cell.length_a   95.820
_cell.length_b   48.140
_cell.length_c   182.540
_cell.angle_alpha   90.00
_cell.angle_beta   91.87
_cell.angle_gamma   90.00
#
_symmetry.space_group_name_H-M   'C 1 2 1'
#
loop_
_entity.id
_entity.type
_entity.pdbx_description
1 polymer 'Type I hyperactive antifreeze protein'
2 water water
#
_entity_poly.entity_id   1
_entity_poly.type   'polypeptide(L)'
_entity_poly.pdbx_seq_one_letter_code
;MNIDPAARAAAAAAASKAAVTAADAAAAAATIAASAASVAAATAADDAAASIATINAASAAAKSIAAAAAMAAKDTAAAA
ASAAAAAVASAAKALETINVKAAYAAATTANTAAAAAAATATTAAAAAAAKATIDNAAAAKAAAVATAVSDAAATAATAA
AVAAATLEAAAAKAAATAVSAAAAAAAAAIAFAAAP
;
_entity_poly.pdbx_strand_id   A,B,C
#
# COMPACT_ATOMS: atom_id res chain seq x y z
N MET A 1 -73.03 -98.72 -59.41
CA MET A 1 -72.29 -97.56 -58.85
C MET A 1 -71.26 -98.04 -57.82
N ASN A 2 -69.98 -97.82 -58.13
CA ASN A 2 -68.92 -98.56 -57.42
C ASN A 2 -68.26 -97.83 -56.24
N ILE A 3 -68.91 -96.79 -55.69
CA ILE A 3 -68.41 -96.13 -54.47
C ILE A 3 -69.21 -96.54 -53.22
N ASP A 4 -68.54 -97.27 -52.34
CA ASP A 4 -69.07 -97.62 -51.03
C ASP A 4 -69.54 -96.38 -50.27
N PRO A 5 -70.79 -96.40 -49.78
CA PRO A 5 -71.37 -95.24 -49.09
C PRO A 5 -70.52 -94.73 -47.91
N ALA A 6 -70.07 -95.64 -47.04
CA ALA A 6 -69.23 -95.27 -45.90
C ALA A 6 -67.90 -94.67 -46.36
N ALA A 7 -67.37 -95.14 -47.49
CA ALA A 7 -66.12 -94.62 -48.05
C ALA A 7 -66.29 -93.21 -48.55
N ARG A 8 -67.43 -92.96 -49.20
CA ARG A 8 -67.75 -91.61 -49.65
C ARG A 8 -67.88 -90.73 -48.45
N ALA A 9 -68.61 -91.18 -47.43
CA ALA A 9 -68.75 -90.42 -46.22
C ALA A 9 -67.37 -90.08 -45.62
N ALA A 10 -66.49 -91.07 -45.57
CA ALA A 10 -65.18 -90.86 -44.97
C ALA A 10 -64.41 -89.81 -45.76
N ALA A 11 -64.49 -89.87 -47.09
CA ALA A 11 -63.76 -88.91 -47.92
C ALA A 11 -64.28 -87.50 -47.66
N ALA A 12 -65.61 -87.37 -47.57
CA ALA A 12 -66.22 -86.05 -47.37
C ALA A 12 -65.91 -85.48 -45.98
N ALA A 13 -65.86 -86.35 -44.98
CA ALA A 13 -65.49 -85.91 -43.65
C ALA A 13 -64.03 -85.43 -43.66
N ALA A 14 -63.17 -86.10 -44.41
CA ALA A 14 -61.75 -85.69 -44.43
C ALA A 14 -61.59 -84.34 -45.14
N ALA A 15 -62.33 -84.14 -46.24
CA ALA A 15 -62.28 -82.85 -46.93
C ALA A 15 -62.80 -81.71 -46.06
N SER A 16 -63.86 -81.98 -45.31
CA SER A 16 -64.45 -80.98 -44.44
CA SER A 16 -64.47 -81.00 -44.42
C SER A 16 -63.52 -80.66 -43.28
N LYS A 17 -62.95 -81.70 -42.69
CA LYS A 17 -61.99 -81.52 -41.59
C LYS A 17 -60.79 -80.70 -42.08
N ALA A 18 -60.32 -80.97 -43.31
CA ALA A 18 -59.20 -80.24 -43.87
C ALA A 18 -59.58 -78.75 -44.02
N ALA A 19 -60.78 -78.48 -44.50
CA ALA A 19 -61.22 -77.09 -44.67
C ALA A 19 -61.18 -76.32 -43.36
N VAL A 20 -61.72 -76.92 -42.30
CA VAL A 20 -61.76 -76.29 -40.98
C VAL A 20 -60.33 -76.08 -40.43
N THR A 21 -59.52 -77.11 -40.54
CA THR A 21 -58.10 -77.04 -40.13
C THR A 21 -57.38 -75.89 -40.83
N ALA A 22 -57.56 -75.80 -42.15
CA ALA A 22 -56.86 -74.79 -42.95
C ALA A 22 -57.35 -73.40 -42.59
N ALA A 23 -58.67 -73.26 -42.39
CA ALA A 23 -59.25 -71.96 -42.01
C ALA A 23 -58.70 -71.54 -40.65
N ASP A 24 -58.64 -72.49 -39.72
CA ASP A 24 -58.11 -72.18 -38.39
C ASP A 24 -56.62 -71.78 -38.47
N ALA A 25 -55.85 -72.47 -39.30
CA ALA A 25 -54.43 -72.16 -39.42
C ALA A 25 -54.24 -70.75 -40.00
N ALA A 26 -55.05 -70.40 -41.00
CA ALA A 26 -54.91 -69.09 -41.65
C ALA A 26 -55.23 -67.96 -40.67
N ALA A 27 -56.29 -68.14 -39.91
CA ALA A 27 -56.67 -67.17 -38.87
C ALA A 27 -55.62 -67.10 -37.77
N ALA A 28 -55.15 -68.25 -37.31
CA ALA A 28 -54.07 -68.30 -36.31
C ALA A 28 -52.84 -67.51 -36.75
N ALA A 29 -52.40 -67.73 -37.99
CA ALA A 29 -51.20 -67.06 -38.48
C ALA A 29 -51.46 -65.54 -38.59
N ALA A 30 -52.65 -65.17 -39.06
CA ALA A 30 -52.97 -63.75 -39.20
C ALA A 30 -52.94 -63.05 -37.83
N THR A 31 -53.44 -63.74 -36.82
CA THR A 31 -53.44 -63.22 -35.45
C THR A 31 -52.02 -63.03 -34.91
N ILE A 32 -51.16 -64.03 -35.09
CA ILE A 32 -49.77 -63.97 -34.62
C ILE A 32 -48.99 -62.87 -35.32
N ALA A 33 -49.21 -62.73 -36.62
CA ALA A 33 -48.55 -61.69 -37.40
C ALA A 33 -49.01 -60.29 -36.94
N ALA A 34 -50.33 -60.15 -36.73
CA ALA A 34 -50.87 -58.85 -36.34
C ALA A 34 -50.31 -58.46 -34.98
N SER A 35 -50.26 -59.45 -34.09
CA SER A 35 -49.69 -59.22 -32.76
C SER A 35 -48.25 -58.69 -32.80
N ALA A 36 -47.40 -59.32 -33.62
CA ALA A 36 -46.00 -58.91 -33.77
C ALA A 36 -45.90 -57.48 -34.26
N ALA A 37 -46.72 -57.10 -35.24
CA ALA A 37 -46.70 -55.73 -35.75
C ALA A 37 -47.16 -54.73 -34.69
N SER A 38 -48.09 -55.15 -33.86
CA SER A 38 -48.63 -54.29 -32.83
C SER A 38 -47.53 -54.01 -31.82
N VAL A 39 -46.85 -55.08 -31.44
CA VAL A 39 -45.77 -55.00 -30.45
C VAL A 39 -44.63 -54.15 -30.99
N ALA A 40 -44.27 -54.37 -32.26
CA ALA A 40 -43.19 -53.60 -32.86
C ALA A 40 -43.53 -52.11 -32.89
N ALA A 41 -44.79 -51.80 -33.19
CA ALA A 41 -45.20 -50.40 -33.24
C ALA A 41 -45.19 -49.74 -31.85
N ALA A 42 -45.60 -50.48 -30.81
CA ALA A 42 -45.57 -49.96 -29.44
C ALA A 42 -44.16 -49.79 -28.93
N THR A 43 -43.27 -50.68 -29.34
CA THR A 43 -41.87 -50.64 -28.95
C THR A 43 -41.20 -49.42 -29.58
N ALA A 44 -41.54 -49.13 -30.83
CA ALA A 44 -41.01 -47.97 -31.52
C ALA A 44 -41.48 -46.69 -30.88
N ALA A 45 -42.73 -46.66 -30.40
CA ALA A 45 -43.23 -45.47 -29.72
C ALA A 45 -42.56 -45.30 -28.35
N ASP A 46 -42.27 -46.42 -27.69
CA ASP A 46 -41.55 -46.35 -26.40
C ASP A 46 -40.16 -45.76 -26.62
N ASP A 47 -39.52 -46.15 -27.72
CA ASP A 47 -38.18 -45.66 -28.04
CA ASP A 47 -38.18 -45.67 -27.99
C ASP A 47 -38.21 -44.18 -28.36
N ALA A 48 -39.26 -43.72 -29.05
CA ALA A 48 -39.36 -42.30 -29.36
C ALA A 48 -39.50 -41.52 -28.05
N ALA A 49 -40.33 -42.03 -27.14
CA ALA A 49 -40.49 -41.39 -25.83
C ALA A 49 -39.17 -41.35 -25.05
N ALA A 50 -38.41 -42.43 -25.10
CA ALA A 50 -37.09 -42.46 -24.42
C ALA A 50 -36.14 -41.42 -25.01
N SER A 51 -36.08 -41.34 -26.32
N SER A 51 -36.12 -41.34 -26.33
CA SER A 51 -35.25 -40.31 -26.96
CA SER A 51 -35.33 -40.34 -27.03
C SER A 51 -35.65 -38.90 -26.51
C SER A 51 -35.67 -38.93 -26.57
N ILE A 52 -36.94 -38.69 -26.32
CA ILE A 52 -37.41 -37.36 -25.91
C ILE A 52 -36.99 -37.11 -24.46
N ALA A 53 -37.23 -38.10 -23.60
CA ALA A 53 -36.76 -38.02 -22.22
C ALA A 53 -35.28 -37.64 -22.14
N THR A 54 -34.46 -38.22 -23.01
CA THR A 54 -33.02 -38.00 -22.98
C THR A 54 -32.68 -36.55 -23.34
N ILE A 55 -33.43 -36.01 -24.28
CA ILE A 55 -33.23 -34.64 -24.73
C ILE A 55 -33.71 -33.68 -23.66
N ASN A 56 -34.87 -33.93 -23.07
CA ASN A 56 -35.30 -33.11 -21.94
C ASN A 56 -34.33 -33.10 -20.75
N ALA A 57 -33.80 -34.26 -20.40
CA ALA A 57 -32.85 -34.31 -19.29
C ALA A 57 -31.59 -33.50 -19.62
N ALA A 58 -31.10 -33.65 -20.84
CA ALA A 58 -29.88 -32.96 -21.26
C ALA A 58 -30.11 -31.45 -21.29
N SER A 59 -31.27 -31.02 -21.76
CA SER A 59 -31.59 -29.60 -21.77
C SER A 59 -31.65 -29.06 -20.33
N ALA A 60 -32.26 -29.82 -19.42
CA ALA A 60 -32.31 -29.42 -18.01
C ALA A 60 -30.90 -29.29 -17.46
N ALA A 61 -30.03 -30.23 -17.80
CA ALA A 61 -28.66 -30.21 -17.27
C ALA A 61 -27.90 -29.02 -17.83
N ALA A 62 -28.13 -28.73 -19.11
CA ALA A 62 -27.46 -27.61 -19.77
C ALA A 62 -27.92 -26.30 -19.17
N LYS A 63 -29.19 -26.26 -18.76
CA LYS A 63 -29.72 -25.06 -18.18
C LYS A 63 -28.98 -24.73 -16.88
N SER A 64 -28.82 -25.75 -16.03
CA SER A 64 -28.10 -25.58 -14.74
C SER A 64 -26.66 -25.13 -14.94
N ILE A 65 -25.96 -25.83 -15.83
CA ILE A 65 -24.60 -25.48 -16.14
C ILE A 65 -24.48 -24.01 -16.58
N ALA A 66 -25.37 -23.56 -17.47
CA ALA A 66 -25.28 -22.20 -18.01
C ALA A 66 -25.53 -21.16 -16.92
N ALA A 67 -26.43 -21.45 -16.01
CA ALA A 67 -26.74 -20.53 -14.91
C ALA A 67 -25.56 -20.44 -13.97
N ALA A 68 -24.88 -21.55 -13.76
CA ALA A 68 -23.75 -21.56 -12.81
C ALA A 68 -22.57 -20.82 -13.45
N ALA A 69 -22.45 -20.99 -14.76
CA ALA A 69 -21.38 -20.34 -15.51
C ALA A 69 -21.61 -18.86 -15.47
N ALA A 70 -22.87 -18.42 -15.59
CA ALA A 70 -23.18 -17.00 -15.48
C ALA A 70 -22.79 -16.42 -14.11
N MET A 71 -23.09 -17.16 -13.06
N MET A 71 -23.08 -17.16 -13.06
CA MET A 71 -22.74 -16.71 -11.71
CA MET A 71 -22.74 -16.70 -11.72
C MET A 71 -21.23 -16.64 -11.53
C MET A 71 -21.24 -16.66 -11.49
N ALA A 72 -20.53 -17.63 -12.06
CA ALA A 72 -19.08 -17.67 -11.96
C ALA A 72 -18.46 -16.48 -12.69
N ALA A 73 -19.08 -16.09 -13.81
CA ALA A 73 -18.60 -14.92 -14.59
C ALA A 73 -18.81 -13.63 -13.80
N LYS A 74 -19.97 -13.54 -13.17
CA LYS A 74 -20.31 -12.42 -12.30
C LYS A 74 -19.30 -12.29 -11.16
N ASP A 75 -19.00 -13.43 -10.52
CA ASP A 75 -18.01 -13.48 -9.44
C ASP A 75 -16.62 -13.09 -9.91
N THR A 76 -16.22 -13.55 -11.09
CA THR A 76 -14.89 -13.25 -11.60
C THR A 76 -14.76 -11.73 -11.88
N ALA A 77 -15.79 -11.16 -12.47
CA ALA A 77 -15.87 -9.72 -12.71
C ALA A 77 -15.82 -8.94 -11.41
N ALA A 78 -16.52 -9.42 -10.40
CA ALA A 78 -16.55 -8.71 -9.10
C ALA A 78 -15.19 -8.71 -8.42
N ALA A 79 -14.45 -9.82 -8.52
CA ALA A 79 -13.08 -9.84 -7.99
C ALA A 79 -12.23 -8.81 -8.74
N ALA A 80 -12.32 -8.79 -10.07
CA ALA A 80 -11.53 -7.83 -10.85
C ALA A 80 -11.93 -6.41 -10.51
N ALA A 81 -13.19 -6.17 -10.19
CA ALA A 81 -13.63 -4.83 -9.88
C ALA A 81 -13.11 -4.40 -8.48
N SER A 82 -13.06 -5.36 -7.55
CA SER A 82 -12.47 -5.03 -6.25
C SER A 82 -11.01 -4.61 -6.38
N ALA A 83 -10.23 -5.39 -7.12
CA ALA A 83 -8.83 -5.08 -7.38
C ALA A 83 -8.67 -3.71 -8.08
N ALA A 84 -9.50 -3.45 -9.08
CA ALA A 84 -9.42 -2.18 -9.82
C ALA A 84 -9.71 -0.98 -8.93
N ALA A 85 -10.71 -1.11 -8.06
CA ALA A 85 -11.08 -0.03 -7.14
C ALA A 85 -9.95 0.22 -6.15
N ALA A 86 -9.29 -0.85 -5.73
CA ALA A 86 -8.17 -0.69 -4.78
C ALA A 86 -7.03 0.04 -5.46
N ALA A 87 -6.80 -0.28 -6.74
CA ALA A 87 -5.68 0.36 -7.44
C ALA A 87 -5.97 1.84 -7.69
N VAL A 88 -7.22 2.18 -8.01
CA VAL A 88 -7.61 3.57 -8.21
C VAL A 88 -7.36 4.33 -6.91
N ALA A 89 -7.80 3.75 -5.80
CA ALA A 89 -7.58 4.34 -4.47
C ALA A 89 -6.11 4.54 -4.15
N SER A 90 -5.30 3.50 -4.29
CA SER A 90 -3.90 3.67 -3.95
CA SER A 90 -3.87 3.59 -4.01
C SER A 90 -3.17 4.60 -4.93
N ALA A 91 -3.55 4.59 -6.21
CA ALA A 91 -2.98 5.54 -7.20
C ALA A 91 -3.13 6.98 -6.76
N ALA A 92 -4.33 7.33 -6.32
CA ALA A 92 -4.64 8.68 -5.91
C ALA A 92 -4.01 9.06 -4.58
N LYS A 93 -4.03 8.13 -3.63
N LYS A 93 -4.01 8.14 -3.62
CA LYS A 93 -3.50 8.43 -2.30
CA LYS A 93 -3.67 7.91 -2.05
CA LYS A 93 -3.49 8.44 -2.29
C LYS A 93 -2.03 8.78 -2.44
C LYS A 93 -1.99 8.65 -2.30
N ALA A 94 -1.31 7.98 -3.23
CA ALA A 94 0.13 8.12 -3.35
C ALA A 94 0.48 9.51 -3.87
N LEU A 95 -0.36 10.07 -4.73
CA LEU A 95 -0.12 11.38 -5.33
C LEU A 95 -0.38 12.54 -4.34
N GLU A 96 -1.09 12.25 -3.27
CA GLU A 96 -1.52 13.27 -2.33
C GLU A 96 -0.37 13.94 -1.60
N THR A 97 0.72 13.20 -1.41
CA THR A 97 1.84 13.67 -0.61
C THR A 97 3.02 14.08 -1.48
N ILE A 98 2.86 13.95 -2.80
CA ILE A 98 3.93 14.25 -3.75
C ILE A 98 3.82 15.71 -4.18
N ASN A 99 4.91 16.45 -4.00
CA ASN A 99 4.90 17.90 -4.26
C ASN A 99 5.90 18.39 -5.32
N VAL A 100 6.69 17.49 -5.89
CA VAL A 100 7.61 17.82 -6.98
C VAL A 100 7.03 17.36 -8.34
N LYS A 101 6.88 18.31 -9.26
N LYS A 101 6.91 18.30 -9.28
CA LYS A 101 6.22 18.11 -10.54
CA LYS A 101 6.18 18.09 -10.52
C LYS A 101 6.66 16.82 -11.23
C LYS A 101 6.65 16.85 -11.29
N ALA A 102 7.96 16.65 -11.40
CA ALA A 102 8.47 15.48 -12.14
C ALA A 102 8.06 14.18 -11.46
N ALA A 103 8.15 14.15 -10.13
CA ALA A 103 7.75 13.00 -9.32
C ALA A 103 6.26 12.72 -9.47
N TYR A 104 5.46 13.77 -9.45
CA TYR A 104 4.02 13.62 -9.65
C TYR A 104 3.74 12.99 -11.00
N ALA A 105 4.45 13.43 -12.04
CA ALA A 105 4.23 12.88 -13.41
C ALA A 105 4.72 11.45 -13.51
N ALA A 106 5.82 11.17 -12.83
CA ALA A 106 6.40 9.83 -12.84
C ALA A 106 5.47 8.81 -12.17
N ALA A 107 4.90 9.18 -11.03
CA ALA A 107 3.92 8.32 -10.35
C ALA A 107 2.66 8.14 -11.21
N THR A 108 2.22 9.22 -11.84
CA THR A 108 1.05 9.16 -12.75
C THR A 108 1.34 8.16 -13.87
N THR A 109 2.55 8.23 -14.43
CA THR A 109 2.94 7.31 -15.51
C THR A 109 2.86 5.84 -15.04
N ALA A 110 3.30 5.60 -13.81
CA ALA A 110 3.23 4.26 -13.26
C ALA A 110 1.77 3.86 -13.03
N ASN A 111 0.93 4.79 -12.57
CA ASN A 111 -0.46 4.43 -12.33
C ASN A 111 -1.14 4.04 -13.66
N THR A 112 -0.87 4.83 -14.68
CA THR A 112 -1.47 4.58 -16.00
C THR A 112 -1.06 3.25 -16.54
N ALA A 113 0.22 2.91 -16.43
CA ALA A 113 0.69 1.69 -17.02
C ALA A 113 0.13 0.49 -16.23
N ALA A 114 0.05 0.64 -14.91
CA ALA A 114 -0.51 -0.46 -14.07
C ALA A 114 -1.96 -0.79 -14.46
N ALA A 115 -2.77 0.25 -14.61
CA ALA A 115 -4.17 0.12 -14.98
C ALA A 115 -4.29 -0.56 -16.34
N ALA A 116 -3.41 -0.20 -17.29
CA ALA A 116 -3.41 -0.83 -18.62
C ALA A 116 -2.96 -2.28 -18.56
N ALA A 117 -2.01 -2.60 -17.68
CA ALA A 117 -1.52 -3.96 -17.58
C ALA A 117 -2.61 -4.85 -17.05
N ALA A 118 -3.31 -4.35 -16.04
CA ALA A 118 -4.38 -5.16 -15.45
C ALA A 118 -5.60 -5.28 -16.39
N ALA A 119 -5.90 -4.21 -17.10
CA ALA A 119 -7.00 -4.23 -18.08
C ALA A 119 -6.75 -5.28 -19.16
N THR A 120 -5.50 -5.36 -19.62
CA THR A 120 -5.08 -6.31 -20.65
C THR A 120 -5.23 -7.76 -20.16
N ALA A 121 -4.88 -7.97 -18.89
CA ALA A 121 -4.93 -9.29 -18.30
C ALA A 121 -6.38 -9.66 -18.03
N THR A 122 -7.20 -8.70 -17.63
CA THR A 122 -8.58 -9.01 -17.30
C THR A 122 -9.39 -9.34 -18.56
N THR A 123 -9.15 -8.55 -19.60
CA THR A 123 -9.76 -8.79 -20.93
C THR A 123 -9.37 -10.12 -21.51
N ALA A 124 -8.09 -10.44 -21.45
CA ALA A 124 -7.63 -11.70 -22.02
C ALA A 124 -8.21 -12.89 -21.25
N ALA A 125 -8.34 -12.75 -19.93
CA ALA A 125 -8.83 -13.85 -19.11
C ALA A 125 -10.27 -14.12 -19.47
N ALA A 126 -11.03 -13.05 -19.63
CA ALA A 126 -12.44 -13.15 -19.90
C ALA A 126 -12.69 -13.77 -21.28
N ALA A 127 -11.86 -13.42 -22.26
CA ALA A 127 -11.97 -14.08 -23.57
C ALA A 127 -11.69 -15.59 -23.45
N ALA A 128 -10.66 -15.96 -22.70
CA ALA A 128 -10.29 -17.36 -22.49
C ALA A 128 -11.38 -18.13 -21.75
N ALA A 129 -11.97 -17.49 -20.74
CA ALA A 129 -12.99 -18.13 -19.91
C ALA A 129 -14.30 -18.32 -20.68
N ALA A 130 -14.68 -17.29 -21.44
CA ALA A 130 -15.94 -17.35 -22.20
C ALA A 130 -15.84 -18.44 -23.27
N LYS A 131 -14.66 -18.56 -23.86
N LYS A 131 -14.67 -18.59 -23.87
CA LYS A 131 -14.42 -19.55 -24.90
CA LYS A 131 -14.50 -19.58 -24.93
C LYS A 131 -14.52 -20.95 -24.29
C LYS A 131 -14.44 -21.00 -24.34
N ALA A 132 -13.93 -21.15 -23.11
CA ALA A 132 -13.95 -22.47 -22.46
C ALA A 132 -15.38 -22.90 -22.16
N THR A 133 -16.20 -21.94 -21.75
CA THR A 133 -17.59 -22.20 -21.44
C THR A 133 -18.30 -22.62 -22.72
N ILE A 134 -18.09 -21.83 -23.76
CA ILE A 134 -18.63 -22.13 -25.08
C ILE A 134 -18.21 -23.51 -25.54
N ASP A 135 -16.93 -23.83 -25.39
CA ASP A 135 -16.46 -25.14 -25.83
C ASP A 135 -17.07 -26.26 -24.99
N ASN A 136 -17.19 -26.07 -23.68
CA ASN A 136 -17.77 -27.10 -22.84
C ASN A 136 -19.21 -27.42 -23.27
N ALA A 137 -19.97 -26.39 -23.58
CA ALA A 137 -21.36 -26.61 -23.95
C ALA A 137 -21.47 -27.30 -25.32
N ALA A 138 -20.59 -26.92 -26.23
CA ALA A 138 -20.59 -27.54 -27.56
C ALA A 138 -20.18 -29.00 -27.43
N ALA A 139 -19.21 -29.27 -26.55
CA ALA A 139 -18.76 -30.66 -26.34
C ALA A 139 -19.86 -31.53 -25.71
N ALA A 140 -20.61 -30.99 -24.76
CA ALA A 140 -21.71 -31.75 -24.15
C ALA A 140 -22.74 -32.09 -25.21
N LYS A 141 -23.12 -31.08 -25.99
CA LYS A 141 -24.13 -31.24 -27.03
C LYS A 141 -23.69 -32.30 -28.04
N ALA A 142 -22.42 -32.23 -28.46
CA ALA A 142 -21.91 -33.18 -29.44
C ALA A 142 -21.91 -34.60 -28.89
N ALA A 143 -21.56 -34.74 -27.61
CA ALA A 143 -21.55 -36.09 -27.02
C ALA A 143 -22.96 -36.64 -27.02
N ALA A 144 -23.94 -35.78 -26.78
CA ALA A 144 -25.33 -36.25 -26.78
C ALA A 144 -25.74 -36.71 -28.18
N VAL A 145 -25.34 -35.93 -29.16
CA VAL A 145 -25.60 -36.24 -30.57
C VAL A 145 -24.95 -37.58 -30.94
N ALA A 146 -23.68 -37.75 -30.57
CA ALA A 146 -22.94 -38.97 -30.92
C ALA A 146 -23.63 -40.16 -30.31
N THR A 147 -24.11 -39.99 -29.08
CA THR A 147 -24.74 -41.09 -28.38
C THR A 147 -26.07 -41.45 -29.07
N ALA A 148 -26.74 -40.46 -29.64
CA ALA A 148 -27.99 -40.70 -30.37
C ALA A 148 -27.76 -41.46 -31.67
N VAL A 149 -26.61 -41.23 -32.30
CA VAL A 149 -26.22 -41.98 -33.49
C VAL A 149 -26.09 -43.47 -33.21
N SER A 150 -25.37 -43.82 -32.14
CA SER A 150 -25.16 -45.21 -31.80
C SER A 150 -26.43 -45.82 -31.22
N ASP A 151 -27.20 -45.03 -30.46
CA ASP A 151 -28.46 -45.55 -29.92
C ASP A 151 -29.41 -45.91 -31.06
N ALA A 152 -29.46 -45.05 -32.07
CA ALA A 152 -30.35 -45.29 -33.22
C ALA A 152 -29.91 -46.52 -33.98
N ALA A 153 -28.60 -46.74 -34.05
CA ALA A 153 -28.08 -47.95 -34.68
C ALA A 153 -28.53 -49.18 -33.91
N ALA A 154 -28.36 -49.16 -32.59
CA ALA A 154 -28.73 -50.29 -31.74
C ALA A 154 -30.24 -50.57 -31.80
N THR A 155 -31.02 -49.51 -31.82
CA THR A 155 -32.47 -49.67 -31.84
C THR A 155 -32.86 -50.32 -33.17
N ALA A 156 -32.27 -49.85 -34.26
CA ALA A 156 -32.58 -50.43 -35.59
C ALA A 156 -32.12 -51.89 -35.75
N ALA A 157 -30.97 -52.23 -35.18
CA ALA A 157 -30.51 -53.63 -35.15
C ALA A 157 -31.44 -54.52 -34.37
N THR A 158 -31.90 -54.04 -33.23
CA THR A 158 -32.78 -54.87 -32.43
C THR A 158 -34.08 -55.10 -33.20
N ALA A 159 -34.59 -54.05 -33.81
CA ALA A 159 -35.87 -54.19 -34.54
C ALA A 159 -35.74 -55.13 -35.72
N ALA A 160 -34.62 -55.06 -36.45
CA ALA A 160 -34.45 -55.93 -37.59
C ALA A 160 -34.28 -57.41 -37.17
N ALA A 161 -33.71 -57.62 -35.99
CA ALA A 161 -33.54 -58.98 -35.48
C ALA A 161 -34.87 -59.56 -35.07
N VAL A 162 -35.70 -58.74 -34.43
CA VAL A 162 -37.01 -59.21 -34.04
C VAL A 162 -37.84 -59.49 -35.30
N ALA A 163 -37.75 -58.61 -36.30
CA ALA A 163 -38.48 -58.86 -37.56
C ALA A 163 -38.02 -60.16 -38.20
N ALA A 164 -36.72 -60.42 -38.17
CA ALA A 164 -36.18 -61.63 -38.80
C ALA A 164 -36.65 -62.86 -38.05
N ALA A 165 -36.66 -62.78 -36.73
CA ALA A 165 -37.13 -63.91 -35.93
C ALA A 165 -38.60 -64.20 -36.23
N THR A 166 -39.35 -63.14 -36.44
CA THR A 166 -40.80 -63.26 -36.66
C THR A 166 -41.07 -63.93 -38.02
N LEU A 167 -40.39 -63.42 -39.05
N LEU A 167 -40.37 -63.46 -39.05
CA LEU A 167 -40.42 -63.97 -40.40
CA LEU A 167 -40.54 -63.99 -40.40
C LEU A 167 -40.15 -65.48 -40.34
C LEU A 167 -40.06 -65.45 -40.52
N GLU A 168 -38.98 -65.79 -39.82
CA GLU A 168 -38.50 -67.16 -39.79
C GLU A 168 -39.46 -68.06 -39.04
N ALA A 169 -40.07 -67.58 -37.97
CA ALA A 169 -41.01 -68.44 -37.23
C ALA A 169 -42.30 -68.66 -38.04
N ALA A 170 -42.77 -67.63 -38.70
CA ALA A 170 -43.95 -67.76 -39.55
C ALA A 170 -43.71 -68.77 -40.69
N ALA A 171 -42.53 -68.69 -41.28
CA ALA A 171 -42.18 -69.58 -42.38
C ALA A 171 -42.10 -71.03 -41.91
N ALA A 172 -41.52 -71.26 -40.73
CA ALA A 172 -41.45 -72.65 -40.20
C ALA A 172 -42.85 -73.19 -39.93
N LYS A 173 -43.69 -72.34 -39.37
CA LYS A 173 -45.07 -72.72 -39.08
C LYS A 173 -45.86 -73.02 -40.34
N ALA A 174 -45.73 -72.18 -41.36
CA ALA A 174 -46.42 -72.43 -42.65
C ALA A 174 -45.95 -73.74 -43.27
N ALA A 175 -44.64 -73.97 -43.22
CA ALA A 175 -44.05 -75.19 -43.80
C ALA A 175 -44.58 -76.47 -43.13
N ALA A 176 -44.64 -76.46 -41.80
CA ALA A 176 -45.16 -77.59 -41.02
C ALA A 176 -46.66 -77.81 -41.28
N THR A 177 -47.38 -76.69 -41.39
CA THR A 177 -48.79 -76.74 -41.75
C THR A 177 -49.03 -77.41 -43.10
N ALA A 178 -48.22 -77.06 -44.09
CA ALA A 178 -48.33 -77.65 -45.42
C ALA A 178 -48.04 -79.17 -45.33
N VAL A 179 -47.00 -79.54 -44.61
CA VAL A 179 -46.65 -80.97 -44.49
C VAL A 179 -47.78 -81.76 -43.89
N SER A 180 -48.37 -81.26 -42.81
CA SER A 180 -49.49 -81.95 -42.16
C SER A 180 -50.71 -82.07 -43.09
N ALA A 181 -51.04 -80.99 -43.79
CA ALA A 181 -52.18 -81.04 -44.71
C ALA A 181 -51.97 -82.11 -45.79
N ALA A 182 -50.78 -82.18 -46.35
CA ALA A 182 -50.52 -83.12 -47.41
C ALA A 182 -50.59 -84.56 -46.88
N ALA A 183 -50.10 -84.77 -45.65
CA ALA A 183 -50.12 -86.11 -45.04
C ALA A 183 -51.55 -86.56 -44.75
N ALA A 184 -52.40 -85.65 -44.27
CA ALA A 184 -53.80 -85.97 -44.04
C ALA A 184 -54.55 -86.28 -45.35
N ALA A 185 -54.30 -85.51 -46.41
CA ALA A 185 -54.94 -85.77 -47.71
C ALA A 185 -54.45 -87.12 -48.23
N ALA A 186 -53.16 -87.39 -48.05
CA ALA A 186 -52.56 -88.62 -48.59
C ALA A 186 -53.13 -89.86 -47.92
N ALA A 187 -53.31 -89.78 -46.59
CA ALA A 187 -53.93 -90.87 -45.83
C ALA A 187 -55.38 -91.09 -46.23
N ALA A 188 -56.08 -90.00 -46.50
CA ALA A 188 -57.49 -90.14 -46.87
C ALA A 188 -57.61 -90.79 -48.24
N ALA A 189 -56.66 -90.51 -49.13
CA ALA A 189 -56.73 -91.03 -50.48
C ALA A 189 -56.44 -92.53 -50.46
N ILE A 190 -55.52 -92.95 -49.61
N ILE A 190 -55.48 -92.94 -49.63
CA ILE A 190 -55.20 -94.36 -49.48
CA ILE A 190 -55.21 -94.39 -49.42
C ILE A 190 -56.37 -95.15 -48.89
C ILE A 190 -56.44 -95.13 -48.94
N ALA A 191 -57.08 -94.55 -47.94
CA ALA A 191 -58.23 -95.18 -47.31
C ALA A 191 -59.41 -95.32 -48.26
N PHE A 192 -59.69 -94.27 -49.02
CA PHE A 192 -60.76 -94.30 -50.02
C PHE A 192 -60.51 -95.39 -51.07
N ALA A 193 -59.27 -95.46 -51.56
CA ALA A 193 -58.90 -96.44 -52.61
C ALA A 193 -58.94 -97.89 -52.13
N ALA A 194 -58.66 -98.07 -50.84
CA ALA A 194 -58.65 -99.40 -50.24
C ALA A 194 -60.05 -99.89 -49.90
N ALA A 195 -61.00 -98.97 -49.73
CA ALA A 195 -62.34 -99.36 -49.31
C ALA A 195 -62.97 -100.22 -50.39
N PRO A 196 -63.74 -101.24 -49.99
CA PRO A 196 -64.27 -102.17 -50.98
C PRO A 196 -65.42 -101.54 -51.75
N MET B 1 54.88 79.58 43.34
CA MET B 1 53.67 80.45 43.39
C MET B 1 53.21 80.82 41.98
N ASN B 2 53.96 81.68 41.30
CA ASN B 2 53.60 82.07 39.94
C ASN B 2 53.85 80.97 38.91
N ILE B 3 52.98 80.95 37.90
CA ILE B 3 53.02 79.93 36.88
C ILE B 3 53.65 80.42 35.59
N ASP B 4 54.78 79.82 35.24
CA ASP B 4 55.41 80.04 33.95
C ASP B 4 54.43 79.80 32.80
N PRO B 5 54.26 80.81 31.93
CA PRO B 5 53.37 80.69 30.76
C PRO B 5 53.65 79.45 29.92
N ALA B 6 54.92 79.11 29.76
CA ALA B 6 55.31 77.97 28.92
C ALA B 6 54.90 76.67 29.60
N ALA B 7 55.12 76.61 30.91
CA ALA B 7 54.72 75.46 31.71
C ALA B 7 53.22 75.28 31.63
N ARG B 8 52.50 76.39 31.67
CA ARG B 8 51.05 76.36 31.53
C ARG B 8 50.62 75.81 30.17
N ALA B 9 51.24 76.30 29.09
CA ALA B 9 50.91 75.86 27.75
C ALA B 9 51.13 74.36 27.63
N ALA B 10 52.26 73.89 28.18
CA ALA B 10 52.61 72.47 28.11
C ALA B 10 51.57 71.64 28.85
N ALA B 11 51.22 72.08 30.05
CA ALA B 11 50.23 71.37 30.86
C ALA B 11 48.92 71.25 30.10
N ALA B 12 48.49 72.34 29.48
CA ALA B 12 47.24 72.38 28.74
C ALA B 12 47.31 71.53 27.49
N ALA B 13 48.48 71.49 26.86
CA ALA B 13 48.66 70.64 25.66
C ALA B 13 48.60 69.17 26.05
N ALA B 14 49.14 68.86 27.22
CA ALA B 14 49.11 67.49 27.71
C ALA B 14 47.69 67.10 28.02
N ALA B 15 46.93 68.01 28.61
CA ALA B 15 45.56 67.67 28.96
C ALA B 15 44.72 67.49 27.69
N SER B 16 44.95 68.33 26.69
CA SER B 16 44.19 68.29 25.45
C SER B 16 44.54 67.00 24.71
N LYS B 17 45.83 66.66 24.72
CA LYS B 17 46.28 65.43 24.07
C LYS B 17 45.69 64.22 24.75
N ALA B 18 45.68 64.23 26.09
CA ALA B 18 45.14 63.10 26.83
C ALA B 18 43.67 62.93 26.47
N ALA B 19 42.96 64.05 26.35
CA ALA B 19 41.52 64.01 26.06
C ALA B 19 41.21 63.35 24.70
N VAL B 20 41.94 63.76 23.67
CA VAL B 20 41.76 63.20 22.33
C VAL B 20 42.13 61.71 22.31
N THR B 21 43.26 61.38 22.94
CA THR B 21 43.72 59.99 23.00
C THR B 21 42.69 59.11 23.66
N ALA B 22 42.11 59.57 24.77
CA ALA B 22 41.10 58.78 25.49
C ALA B 22 39.78 58.64 24.69
N ALA B 23 39.39 59.71 24.01
CA ALA B 23 38.17 59.64 23.18
C ALA B 23 38.32 58.66 22.04
N ASP B 24 39.49 58.69 21.38
CA ASP B 24 39.78 57.78 20.27
C ASP B 24 39.78 56.34 20.79
N ALA B 25 40.38 56.14 21.95
CA ALA B 25 40.42 54.80 22.57
C ALA B 25 39.05 54.27 22.96
N ALA B 26 38.22 55.11 23.55
CA ALA B 26 36.86 54.68 23.86
C ALA B 26 36.07 54.36 22.59
N ALA B 27 36.24 55.18 21.54
CA ALA B 27 35.50 54.96 20.29
C ALA B 27 35.99 53.70 19.56
N ALA B 28 37.30 53.45 19.63
CA ALA B 28 37.85 52.24 19.01
C ALA B 28 37.31 50.99 19.69
N ALA B 29 37.21 51.02 21.01
CA ALA B 29 36.75 49.88 21.78
C ALA B 29 35.26 49.64 21.55
N ALA B 30 34.51 50.73 21.45
CA ALA B 30 33.07 50.57 21.25
C ALA B 30 32.80 49.99 19.86
N THR B 31 33.60 50.39 18.90
CA THR B 31 33.40 49.92 17.52
C THR B 31 33.76 48.44 17.40
N ILE B 32 34.89 48.05 17.97
CA ILE B 32 35.30 46.66 17.95
C ILE B 32 34.28 45.78 18.66
N ALA B 33 33.77 46.26 19.79
CA ALA B 33 32.81 45.46 20.54
C ALA B 33 31.50 45.32 19.77
N ALA B 34 31.05 46.38 19.11
CA ALA B 34 29.79 46.29 18.35
C ALA B 34 29.94 45.36 17.15
N SER B 35 31.10 45.37 16.54
CA SER B 35 31.38 44.46 15.43
C SER B 35 31.33 43.01 15.92
N ALA B 36 31.98 42.72 17.03
CA ALA B 36 31.96 41.33 17.52
C ALA B 36 30.55 40.85 17.83
N ALA B 37 29.72 41.72 18.41
CA ALA B 37 28.36 41.29 18.78
C ALA B 37 27.54 41.08 17.51
N SER B 38 27.77 41.96 16.52
CA SER B 38 27.11 41.85 15.21
C SER B 38 27.49 40.57 14.46
N VAL B 39 28.78 40.27 14.43
CA VAL B 39 29.23 39.04 13.78
C VAL B 39 28.60 37.83 14.50
N ALA B 40 28.59 37.86 15.84
CA ALA B 40 28.03 36.73 16.59
C ALA B 40 26.55 36.52 16.23
N ALA B 41 25.80 37.61 16.17
CA ALA B 41 24.38 37.52 15.86
C ALA B 41 24.19 36.94 14.47
N ALA B 42 25.03 37.34 13.53
CA ALA B 42 24.90 36.90 12.15
C ALA B 42 25.27 35.42 12.04
N THR B 43 26.30 35.02 12.77
CA THR B 43 26.71 33.62 12.78
C THR B 43 25.59 32.74 13.37
N ALA B 44 24.94 33.23 14.43
CA ALA B 44 23.84 32.49 15.04
C ALA B 44 22.66 32.40 14.07
N ALA B 45 22.36 33.50 13.38
CA ALA B 45 21.33 33.47 12.33
C ALA B 45 21.68 32.51 11.20
N ASP B 46 22.96 32.43 10.84
CA ASP B 46 23.38 31.46 9.83
C ASP B 46 23.16 30.02 10.33
N ASP B 47 23.51 29.76 11.59
CA ASP B 47 23.31 28.44 12.18
CA ASP B 47 23.31 28.45 12.17
C ASP B 47 21.85 28.02 12.06
N ALA B 48 20.92 28.94 12.36
CA ALA B 48 19.50 28.67 12.26
C ALA B 48 19.09 28.30 10.83
N ALA B 49 19.52 29.13 9.88
CA ALA B 49 19.20 28.90 8.47
C ALA B 49 19.73 27.55 8.05
N ALA B 50 20.93 27.22 8.53
CA ALA B 50 21.55 25.94 8.19
C ALA B 50 20.77 24.76 8.77
N SER B 51 20.31 24.88 10.02
CA SER B 51 19.48 23.82 10.60
C SER B 51 18.21 23.68 9.77
N ILE B 52 17.64 24.80 9.37
CA ILE B 52 16.43 24.74 8.54
C ILE B 52 16.67 24.08 7.19
N ALA B 53 17.79 24.39 6.55
CA ALA B 53 18.10 23.77 5.27
C ALA B 53 18.30 22.27 5.43
N THR B 54 18.86 21.86 6.55
CA THR B 54 19.06 20.42 6.81
C THR B 54 17.72 19.71 6.86
N ILE B 55 16.80 20.28 7.61
CA ILE B 55 15.49 19.68 7.84
C ILE B 55 14.72 19.66 6.54
N ASN B 56 14.83 20.74 5.75
CA ASN B 56 14.13 20.76 4.46
C ASN B 56 14.65 19.67 3.54
N ALA B 57 15.96 19.44 3.58
CA ALA B 57 16.55 18.43 2.70
C ALA B 57 16.15 17.03 3.12
N ALA B 58 16.11 16.80 4.43
CA ALA B 58 15.69 15.52 4.99
C ALA B 58 14.21 15.28 4.67
N SER B 59 13.40 16.30 4.81
CA SER B 59 11.98 16.16 4.50
C SER B 59 11.74 15.76 3.03
N ALA B 60 12.47 16.39 2.12
CA ALA B 60 12.30 16.08 0.71
C ALA B 60 12.74 14.65 0.43
N ALA B 61 13.85 14.24 1.01
CA ALA B 61 14.34 12.87 0.83
C ALA B 61 13.36 11.87 1.41
N ALA B 62 12.73 12.21 2.54
CA ALA B 62 11.80 11.29 3.19
C ALA B 62 10.53 11.17 2.35
N LYS B 63 10.13 12.25 1.71
CA LYS B 63 8.99 12.17 0.80
C LYS B 63 9.25 11.21 -0.37
N SER B 64 10.44 11.28 -0.95
CA SER B 64 10.72 10.42 -2.10
CA SER B 64 10.74 10.41 -2.09
C SER B 64 10.76 8.96 -1.66
N ILE B 65 11.32 8.70 -0.48
CA ILE B 65 11.40 7.35 0.07
C ILE B 65 10.00 6.80 0.37
N ALA B 66 9.12 7.64 0.91
CA ALA B 66 7.77 7.18 1.24
C ALA B 66 6.95 6.93 -0.04
N ALA B 67 7.16 7.77 -1.04
CA ALA B 67 6.53 7.54 -2.35
C ALA B 67 6.97 6.22 -2.96
N ALA B 68 8.28 5.92 -2.88
CA ALA B 68 8.78 4.68 -3.42
C ALA B 68 8.18 3.47 -2.70
N ALA B 69 8.04 3.57 -1.38
CA ALA B 69 7.39 2.49 -0.61
C ALA B 69 5.97 2.27 -1.08
N ALA B 70 5.25 3.35 -1.28
CA ALA B 70 3.85 3.25 -1.65
C ALA B 70 3.72 2.63 -3.05
N MET B 71 4.61 3.00 -3.98
CA MET B 71 4.55 2.41 -5.32
C MET B 71 4.91 0.93 -5.27
N ALA B 72 5.88 0.55 -4.45
CA ALA B 72 6.18 -0.88 -4.29
C ALA B 72 5.02 -1.66 -3.66
N ALA B 73 4.36 -1.08 -2.65
CA ALA B 73 3.22 -1.79 -2.03
C ALA B 73 2.07 -1.92 -3.04
N LYS B 74 1.85 -0.91 -3.84
CA LYS B 74 0.80 -0.95 -4.88
C LYS B 74 1.11 -2.02 -5.94
N ASP B 75 2.36 -2.11 -6.40
CA ASP B 75 2.75 -3.09 -7.41
C ASP B 75 2.70 -4.52 -6.85
N THR B 76 3.15 -4.72 -5.61
N THR B 76 3.09 -4.67 -5.59
CA THR B 76 3.09 -6.07 -5.02
CA THR B 76 3.12 -5.98 -4.96
C THR B 76 1.65 -6.51 -4.83
C THR B 76 1.69 -6.50 -4.77
N ALA B 77 0.78 -5.60 -4.39
CA ALA B 77 -0.62 -5.96 -4.21
C ALA B 77 -1.22 -6.32 -5.56
N ALA B 78 -0.86 -5.56 -6.58
CA ALA B 78 -1.40 -5.85 -7.94
C ALA B 78 -0.93 -7.19 -8.46
N ALA B 79 0.32 -7.53 -8.19
CA ALA B 79 0.86 -8.80 -8.66
C ALA B 79 0.25 -9.96 -7.89
N ALA B 80 -0.03 -9.75 -6.59
CA ALA B 80 -0.71 -10.81 -5.82
C ALA B 80 -2.09 -11.06 -6.36
N ALA B 81 -2.83 -10.00 -6.67
CA ALA B 81 -4.21 -10.16 -7.14
C ALA B 81 -4.23 -10.85 -8.51
N SER B 82 -3.24 -10.52 -9.33
CA SER B 82 -3.15 -11.11 -10.66
C SER B 82 -2.86 -12.60 -10.55
N ALA B 83 -1.92 -12.96 -9.70
CA ALA B 83 -1.55 -14.35 -9.53
C ALA B 83 -2.74 -15.11 -8.91
N ALA B 84 -3.46 -14.46 -7.99
CA ALA B 84 -4.60 -15.13 -7.33
C ALA B 84 -5.70 -15.45 -8.35
N ALA B 85 -6.03 -14.48 -9.19
CA ALA B 85 -7.07 -14.70 -10.17
C ALA B 85 -6.67 -15.79 -11.18
N ALA B 86 -5.38 -15.91 -11.50
CA ALA B 86 -4.96 -16.94 -12.43
C ALA B 86 -5.08 -18.32 -11.80
N ALA B 87 -4.73 -18.41 -10.53
CA ALA B 87 -4.80 -19.67 -9.80
C ALA B 87 -6.25 -20.13 -9.64
N VAL B 88 -7.15 -19.20 -9.42
CA VAL B 88 -8.57 -19.54 -9.29
C VAL B 88 -9.06 -20.11 -10.62
N ALA B 89 -8.74 -19.44 -11.71
CA ALA B 89 -9.19 -19.89 -13.04
C ALA B 89 -8.61 -21.28 -13.39
N SER B 90 -7.33 -21.45 -13.13
N SER B 90 -7.34 -21.49 -13.12
CA SER B 90 -6.62 -22.67 -13.47
CA SER B 90 -6.67 -22.73 -13.52
C SER B 90 -7.19 -23.85 -12.68
C SER B 90 -7.03 -23.93 -12.64
N ALA B 91 -7.36 -23.66 -11.38
CA ALA B 91 -7.90 -24.72 -10.51
C ALA B 91 -9.27 -25.18 -10.99
N ALA B 92 -10.16 -24.23 -11.29
CA ALA B 92 -11.53 -24.60 -11.68
C ALA B 92 -11.51 -25.33 -13.02
N LYS B 93 -10.68 -24.86 -13.94
CA LYS B 93 -10.56 -25.53 -15.24
C LYS B 93 -10.06 -26.97 -15.08
N ALA B 94 -9.09 -27.18 -14.19
CA ALA B 94 -8.54 -28.52 -13.97
C ALA B 94 -9.57 -29.48 -13.35
N LEU B 95 -10.44 -28.96 -12.48
CA LEU B 95 -11.45 -29.79 -11.82
C LEU B 95 -12.57 -30.20 -12.77
N GLU B 96 -12.87 -29.34 -13.74
CA GLU B 96 -13.90 -29.62 -14.75
CA GLU B 96 -13.96 -29.66 -14.66
C GLU B 96 -13.73 -31.00 -15.38
N THR B 97 -12.46 -31.38 -15.52
CA THR B 97 -12.08 -32.60 -16.23
C THR B 97 -11.97 -33.83 -15.35
N ILE B 98 -12.05 -33.65 -14.02
CA ILE B 98 -11.91 -34.76 -13.09
C ILE B 98 -13.25 -35.46 -12.88
N ASN B 99 -13.26 -36.79 -12.99
CA ASN B 99 -14.50 -37.57 -12.92
C ASN B 99 -14.58 -38.58 -11.78
N VAL B 100 -13.50 -38.74 -11.04
CA VAL B 100 -13.46 -39.62 -9.88
C VAL B 100 -13.54 -38.80 -8.59
N LYS B 101 -14.53 -39.11 -7.76
N LYS B 101 -14.54 -39.11 -7.76
CA LYS B 101 -14.82 -38.36 -6.55
CA LYS B 101 -14.81 -38.37 -6.54
C LYS B 101 -13.55 -38.15 -5.71
C LYS B 101 -13.55 -38.14 -5.72
N ALA B 102 -12.82 -39.22 -5.45
CA ALA B 102 -11.64 -39.17 -4.60
C ALA B 102 -10.56 -38.21 -5.12
N ALA B 103 -10.37 -38.21 -6.44
CA ALA B 103 -9.35 -37.36 -7.07
C ALA B 103 -9.79 -35.90 -7.04
N TYR B 104 -11.10 -35.68 -7.22
CA TYR B 104 -11.70 -34.34 -7.16
C TYR B 104 -11.51 -33.71 -5.78
N ALA B 105 -11.85 -34.46 -4.74
CA ALA B 105 -11.63 -34.01 -3.36
C ALA B 105 -10.15 -33.74 -3.11
N ALA B 106 -9.27 -34.62 -3.59
CA ALA B 106 -7.84 -34.42 -3.37
C ALA B 106 -7.37 -33.14 -4.06
N ALA B 107 -7.87 -32.92 -5.27
CA ALA B 107 -7.48 -31.73 -6.00
C ALA B 107 -7.98 -30.47 -5.29
N THR B 108 -9.22 -30.52 -4.78
CA THR B 108 -9.77 -29.39 -4.03
C THR B 108 -8.89 -29.09 -2.82
N THR B 109 -8.48 -30.13 -2.11
CA THR B 109 -7.61 -29.96 -0.94
C THR B 109 -6.29 -29.28 -1.33
N ALA B 110 -5.71 -29.72 -2.45
CA ALA B 110 -4.48 -29.08 -2.94
C ALA B 110 -4.73 -27.61 -3.31
N ASN B 111 -5.83 -27.31 -3.97
CA ASN B 111 -6.15 -25.91 -4.28
C ASN B 111 -6.35 -25.05 -3.01
N THR B 112 -7.08 -25.59 -2.04
CA THR B 112 -7.31 -24.89 -0.78
C THR B 112 -6.01 -24.52 -0.09
N ALA B 113 -5.09 -25.48 -0.02
CA ALA B 113 -3.81 -25.31 0.65
C ALA B 113 -2.94 -24.34 -0.13
N ALA B 114 -2.99 -24.44 -1.45
CA ALA B 114 -2.19 -23.57 -2.29
C ALA B 114 -2.59 -22.13 -2.10
N ALA B 115 -3.90 -21.88 -2.05
CA ALA B 115 -4.42 -20.53 -1.87
C ALA B 115 -4.03 -20.02 -0.49
N ALA B 116 -4.12 -20.88 0.53
CA ALA B 116 -3.72 -20.50 1.88
C ALA B 116 -2.24 -20.16 1.95
N ALA B 117 -1.40 -20.98 1.30
CA ALA B 117 0.04 -20.76 1.37
C ALA B 117 0.40 -19.44 0.71
N ALA B 118 -0.27 -19.15 -0.42
CA ALA B 118 0.00 -17.93 -1.19
C ALA B 118 -0.46 -16.70 -0.42
N ALA B 119 -1.64 -16.79 0.18
CA ALA B 119 -2.16 -15.70 1.00
C ALA B 119 -1.22 -15.43 2.18
N THR B 120 -0.77 -16.49 2.82
CA THR B 120 0.17 -16.33 3.94
C THR B 120 1.44 -15.65 3.50
N ALA B 121 1.92 -16.02 2.31
CA ALA B 121 3.17 -15.43 1.82
C ALA B 121 3.01 -13.95 1.45
N THR B 122 1.87 -13.61 0.84
N THR B 122 1.89 -13.58 0.84
CA THR B 122 1.60 -12.23 0.44
CA THR B 122 1.70 -12.18 0.45
C THR B 122 1.51 -11.37 1.69
C THR B 122 1.49 -11.32 1.71
N THR B 123 0.75 -11.87 2.65
CA THR B 123 0.55 -11.20 3.92
C THR B 123 1.87 -11.00 4.63
N ALA B 124 2.75 -12.02 4.65
CA ALA B 124 4.03 -11.91 5.34
C ALA B 124 4.95 -10.91 4.66
N ALA B 125 4.95 -10.94 3.34
CA ALA B 125 5.75 -10.01 2.56
C ALA B 125 5.29 -8.56 2.78
N ALA B 126 3.99 -8.34 2.84
CA ALA B 126 3.46 -6.99 3.00
C ALA B 126 3.81 -6.49 4.40
N ALA B 127 3.69 -7.39 5.38
CA ALA B 127 4.01 -7.02 6.76
C ALA B 127 5.48 -6.68 6.93
N ALA B 128 6.36 -7.49 6.31
CA ALA B 128 7.79 -7.22 6.43
C ALA B 128 8.17 -5.89 5.79
N ALA B 129 7.56 -5.60 4.65
CA ALA B 129 7.86 -4.38 3.90
C ALA B 129 7.33 -3.17 4.63
N ALA B 130 6.13 -3.29 5.20
CA ALA B 130 5.53 -2.17 5.92
C ALA B 130 6.34 -1.90 7.19
N LYS B 131 6.75 -2.97 7.86
CA LYS B 131 7.60 -2.81 9.05
C LYS B 131 8.93 -2.14 8.70
N ALA B 132 9.52 -2.57 7.58
CA ALA B 132 10.78 -1.99 7.13
C ALA B 132 10.62 -0.51 6.81
N THR B 133 9.51 -0.14 6.18
CA THR B 133 9.29 1.27 5.86
C THR B 133 9.23 2.11 7.16
N ILE B 134 8.54 1.55 8.14
CA ILE B 134 8.37 2.20 9.44
C ILE B 134 9.71 2.31 10.18
N ASP B 135 10.46 1.22 10.19
CA ASP B 135 11.70 1.13 10.98
C ASP B 135 12.76 2.00 10.32
N ASN B 136 12.78 2.01 8.99
CA ASN B 136 13.78 2.83 8.30
C ASN B 136 13.51 4.31 8.46
N ALA B 137 12.24 4.71 8.45
CA ALA B 137 11.92 6.11 8.65
C ALA B 137 12.26 6.55 10.06
N ALA B 138 11.90 5.72 11.05
CA ALA B 138 12.25 6.11 12.43
C ALA B 138 13.76 6.24 12.65
N ALA B 139 14.55 5.35 12.03
CA ALA B 139 16.00 5.37 12.25
C ALA B 139 16.61 6.60 11.56
N ALA B 140 16.03 7.01 10.44
CA ALA B 140 16.57 8.16 9.74
C ALA B 140 16.33 9.42 10.57
N LYS B 141 15.11 9.52 11.11
CA LYS B 141 14.72 10.67 11.90
C LYS B 141 15.53 10.75 13.21
N ALA B 142 15.72 9.61 13.85
CA ALA B 142 16.45 9.54 15.12
C ALA B 142 17.92 9.91 14.93
N ALA B 143 18.51 9.47 13.81
CA ALA B 143 19.89 9.84 13.51
C ALA B 143 20.03 11.36 13.30
N ALA B 144 19.06 11.96 12.62
CA ALA B 144 19.07 13.40 12.39
C ALA B 144 18.91 14.18 13.69
N VAL B 145 18.05 13.72 14.59
CA VAL B 145 17.86 14.37 15.88
C VAL B 145 19.19 14.34 16.64
N ALA B 146 19.86 13.20 16.59
CA ALA B 146 21.15 13.03 17.25
C ALA B 146 22.23 13.92 16.65
N THR B 147 22.29 14.02 15.32
CA THR B 147 23.19 14.96 14.66
C THR B 147 22.88 16.40 15.04
N ALA B 148 21.60 16.73 15.17
CA ALA B 148 21.23 18.08 15.62
C ALA B 148 21.77 18.37 17.04
N VAL B 149 21.66 17.40 17.94
CA VAL B 149 22.12 17.68 19.29
C VAL B 149 23.62 17.88 19.28
N SER B 150 24.32 17.10 18.48
CA SER B 150 25.76 17.20 18.39
C SER B 150 26.21 18.51 17.76
N ASP B 151 25.58 18.87 16.63
CA ASP B 151 25.87 20.15 16.00
C ASP B 151 25.61 21.33 16.95
N ALA B 152 24.57 21.25 17.76
CA ALA B 152 24.24 22.32 18.68
C ALA B 152 25.33 22.43 19.75
N ALA B 153 25.82 21.31 20.23
CA ALA B 153 26.88 21.37 21.23
C ALA B 153 28.16 21.99 20.65
N ALA B 154 28.49 21.63 19.42
CA ALA B 154 29.69 22.17 18.80
C ALA B 154 29.51 23.66 18.54
N THR B 155 28.32 24.04 18.10
CA THR B 155 28.03 25.45 17.85
C THR B 155 28.18 26.27 19.15
N ALA B 156 27.69 25.75 20.26
CA ALA B 156 27.75 26.50 21.52
C ALA B 156 29.16 26.57 22.07
N ALA B 157 29.94 25.50 21.94
CA ALA B 157 31.33 25.54 22.39
C ALA B 157 32.11 26.57 21.60
N THR B 158 31.88 26.62 20.28
CA THR B 158 32.53 27.63 19.46
C THR B 158 32.11 29.04 19.86
N ALA B 159 30.83 29.23 20.11
CA ALA B 159 30.36 30.57 20.47
C ALA B 159 30.99 30.99 21.80
N ALA B 160 31.06 30.06 22.74
CA ALA B 160 31.66 30.38 24.06
C ALA B 160 33.12 30.82 23.91
N ALA B 161 33.84 30.14 23.02
CA ALA B 161 35.26 30.38 22.83
C ALA B 161 35.49 31.73 22.15
N VAL B 162 34.67 32.04 21.16
CA VAL B 162 34.73 33.35 20.49
C VAL B 162 34.44 34.47 21.50
N ALA B 163 33.39 34.29 22.30
CA ALA B 163 33.01 35.30 23.30
C ALA B 163 34.13 35.54 24.30
N ALA B 164 34.74 34.47 24.74
CA ALA B 164 35.82 34.61 25.72
C ALA B 164 37.02 35.33 25.09
N ALA B 165 37.35 34.98 23.86
CA ALA B 165 38.51 35.61 23.21
C ALA B 165 38.26 37.09 22.96
N THR B 166 37.02 37.42 22.61
CA THR B 166 36.61 38.82 22.41
C THR B 166 36.71 39.64 23.70
N LEU B 167 36.14 39.12 24.79
CA LEU B 167 36.14 39.89 26.03
C LEU B 167 37.57 40.02 26.56
N GLU B 168 38.37 38.98 26.39
CA GLU B 168 39.73 39.03 26.90
C GLU B 168 40.60 40.02 26.11
N ALA B 169 40.39 40.09 24.80
CA ALA B 169 41.20 41.00 23.99
C ALA B 169 40.84 42.44 24.37
N ALA B 170 39.56 42.66 24.63
CA ALA B 170 39.09 43.99 24.99
C ALA B 170 39.60 44.38 26.36
N ALA B 171 39.60 43.43 27.30
CA ALA B 171 40.09 43.70 28.65
C ALA B 171 41.58 44.04 28.59
N ALA B 172 42.32 43.31 27.76
CA ALA B 172 43.75 43.59 27.66
C ALA B 172 44.00 44.94 27.00
N LYS B 173 43.23 45.29 25.97
CA LYS B 173 43.44 46.56 25.29
C LYS B 173 43.13 47.70 26.25
N ALA B 174 42.13 47.49 27.11
CA ALA B 174 41.77 48.51 28.08
C ALA B 174 42.88 48.69 29.11
N ALA B 175 43.45 47.58 29.59
CA ALA B 175 44.54 47.70 30.56
C ALA B 175 45.71 48.42 29.92
N ALA B 176 46.01 48.11 28.66
CA ALA B 176 47.14 48.78 27.99
C ALA B 176 46.88 50.30 27.81
N THR B 177 45.63 50.63 27.50
CA THR B 177 45.21 52.02 27.38
C THR B 177 45.41 52.76 28.71
N ALA B 178 44.96 52.16 29.80
CA ALA B 178 45.04 52.81 31.13
C ALA B 178 46.48 52.97 31.61
N VAL B 179 47.32 52.00 31.26
CA VAL B 179 48.73 52.10 31.63
C VAL B 179 49.33 53.32 30.91
N SER B 180 49.09 53.41 29.61
CA SER B 180 49.64 54.51 28.82
C SER B 180 49.17 55.87 29.32
N ALA B 181 47.90 55.95 29.72
CA ALA B 181 47.34 57.19 30.19
C ALA B 181 48.01 57.59 31.50
N ALA B 182 48.20 56.61 32.38
CA ALA B 182 48.82 56.89 33.68
C ALA B 182 50.26 57.35 33.50
N ALA B 183 50.91 56.81 32.48
CA ALA B 183 52.31 57.15 32.20
C ALA B 183 52.44 58.57 31.63
N ALA B 184 51.53 58.96 30.75
CA ALA B 184 51.58 60.31 30.18
C ALA B 184 51.26 61.36 31.25
N ALA B 185 50.30 61.06 32.13
CA ALA B 185 49.93 62.02 33.16
C ALA B 185 51.09 62.19 34.14
N ALA B 186 51.67 61.09 34.56
CA ALA B 186 52.86 61.11 35.41
C ALA B 186 53.95 62.01 34.82
N ALA B 187 54.24 61.82 33.53
CA ALA B 187 55.26 62.64 32.85
C ALA B 187 54.91 64.13 32.83
N ALA B 188 53.66 64.45 32.52
CA ALA B 188 53.20 65.83 32.49
C ALA B 188 53.31 66.49 33.85
N ALA B 189 52.93 65.78 34.92
CA ALA B 189 52.98 66.34 36.25
C ALA B 189 54.42 66.62 36.61
N ILE B 190 55.30 65.67 36.29
CA ILE B 190 56.73 65.84 36.56
C ILE B 190 57.29 67.07 35.82
N ALA B 191 56.93 67.22 34.54
CA ALA B 191 57.36 68.37 33.74
C ALA B 191 56.89 69.68 34.37
N PHE B 192 55.60 69.75 34.76
CA PHE B 192 55.05 70.96 35.35
C PHE B 192 55.82 71.32 36.61
N ALA B 193 56.19 70.29 37.39
CA ALA B 193 56.87 70.53 38.66
C ALA B 193 58.31 71.02 38.45
N ALA B 194 58.93 70.56 37.36
CA ALA B 194 60.31 70.94 37.05
C ALA B 194 60.43 72.35 36.46
N ALA B 195 59.40 72.81 35.75
CA ALA B 195 59.41 74.16 35.16
C ALA B 195 59.65 75.25 36.23
N PRO B 196 60.35 76.34 35.85
CA PRO B 196 60.67 77.38 36.84
C PRO B 196 59.43 77.98 37.49
N MET C 1 -17.13 -43.34 -6.46
CA MET C 1 -16.28 -43.12 -7.67
C MET C 1 -16.88 -42.02 -8.54
N ASN C 2 -18.07 -42.25 -9.07
CA ASN C 2 -18.73 -41.21 -9.86
C ASN C 2 -19.03 -40.00 -8.99
N ILE C 3 -19.15 -38.84 -9.64
CA ILE C 3 -19.47 -37.61 -8.94
C ILE C 3 -20.86 -37.13 -9.30
N ASP C 4 -21.70 -36.94 -8.29
CA ASP C 4 -23.02 -36.36 -8.46
C ASP C 4 -22.90 -34.96 -9.04
N PRO C 5 -23.66 -34.67 -10.12
CA PRO C 5 -23.56 -33.35 -10.76
C PRO C 5 -23.84 -32.19 -9.82
N ALA C 6 -24.85 -32.34 -8.98
CA ALA C 6 -25.18 -31.28 -8.05
C ALA C 6 -24.10 -31.08 -6.96
N ALA C 7 -23.47 -32.17 -6.52
CA ALA C 7 -22.33 -32.09 -5.59
C ALA C 7 -21.16 -31.35 -6.25
N ARG C 8 -20.83 -31.74 -7.48
CA ARG C 8 -19.79 -31.04 -8.24
C ARG C 8 -20.10 -29.56 -8.31
N ALA C 9 -21.35 -29.23 -8.66
CA ALA C 9 -21.72 -27.82 -8.82
C ALA C 9 -21.64 -27.04 -7.53
N ALA C 10 -22.01 -27.68 -6.43
CA ALA C 10 -21.94 -27.02 -5.12
C ALA C 10 -20.50 -26.72 -4.76
N ALA C 11 -19.62 -27.65 -5.08
CA ALA C 11 -18.21 -27.49 -4.79
C ALA C 11 -17.69 -26.33 -5.62
N ALA C 12 -18.08 -26.25 -6.89
CA ALA C 12 -17.55 -25.19 -7.76
C ALA C 12 -18.09 -23.83 -7.36
N ALA C 13 -19.33 -23.79 -6.89
CA ALA C 13 -19.92 -22.55 -6.43
C ALA C 13 -19.22 -22.08 -5.14
N ALA C 14 -18.87 -23.02 -4.28
CA ALA C 14 -18.16 -22.63 -3.05
C ALA C 14 -16.80 -22.01 -3.42
N ALA C 15 -16.10 -22.60 -4.39
CA ALA C 15 -14.79 -22.11 -4.76
C ALA C 15 -14.88 -20.73 -5.43
N SER C 16 -15.93 -20.54 -6.22
CA SER C 16 -16.15 -19.28 -6.90
C SER C 16 -16.46 -18.16 -5.87
N LYS C 17 -17.34 -18.46 -4.94
CA LYS C 17 -17.67 -17.56 -3.82
C LYS C 17 -16.44 -17.21 -3.00
N ALA C 18 -15.61 -18.21 -2.68
CA ALA C 18 -14.41 -17.95 -1.88
C ALA C 18 -13.50 -16.98 -2.64
N ALA C 19 -13.46 -17.11 -3.96
CA ALA C 19 -12.60 -16.21 -4.76
C ALA C 19 -13.05 -14.75 -4.66
N VAL C 20 -14.35 -14.50 -4.66
CA VAL C 20 -14.86 -13.14 -4.55
C VAL C 20 -14.51 -12.57 -3.15
N THR C 21 -14.80 -13.36 -2.14
CA THR C 21 -14.49 -12.98 -0.76
C THR C 21 -13.01 -12.65 -0.58
N ALA C 22 -12.14 -13.50 -1.11
CA ALA C 22 -10.70 -13.27 -0.96
C ALA C 22 -10.24 -12.00 -1.65
N ALA C 23 -10.80 -11.74 -2.82
CA ALA C 23 -10.42 -10.55 -3.58
C ALA C 23 -10.90 -9.29 -2.89
N ASP C 24 -12.10 -9.36 -2.32
CA ASP C 24 -12.60 -8.22 -1.57
CA ASP C 24 -12.64 -8.25 -1.54
C ASP C 24 -11.73 -7.97 -0.35
N ALA C 25 -11.34 -9.03 0.35
CA ALA C 25 -10.49 -8.85 1.56
C ALA C 25 -9.14 -8.26 1.23
N ALA C 26 -8.53 -8.72 0.14
CA ALA C 26 -7.19 -8.27 -0.23
C ALA C 26 -7.22 -6.78 -0.63
N ALA C 27 -8.25 -6.37 -1.39
CA ALA C 27 -8.47 -4.97 -1.73
C ALA C 27 -8.71 -4.12 -0.49
N ALA C 28 -9.53 -4.62 0.41
CA ALA C 28 -9.84 -3.89 1.63
C ALA C 28 -8.57 -3.63 2.43
N ALA C 29 -7.69 -4.63 2.52
CA ALA C 29 -6.48 -4.49 3.31
C ALA C 29 -5.52 -3.51 2.65
N ALA C 30 -5.37 -3.62 1.33
CA ALA C 30 -4.43 -2.77 0.59
C ALA C 30 -4.81 -1.32 0.77
N THR C 31 -6.11 -1.08 0.78
CA THR C 31 -6.65 0.27 0.82
C THR C 31 -6.45 0.88 2.20
N ILE C 32 -6.75 0.10 3.22
CA ILE C 32 -6.48 0.57 4.60
C ILE C 32 -4.99 0.86 4.81
N ALA C 33 -4.13 0.00 4.30
CA ALA C 33 -2.70 0.16 4.53
C ALA C 33 -2.23 1.42 3.81
N ALA C 34 -2.73 1.64 2.60
CA ALA C 34 -2.25 2.78 1.81
C ALA C 34 -2.72 4.08 2.42
N SER C 35 -3.92 4.06 3.00
CA SER C 35 -4.42 5.26 3.68
CA SER C 35 -4.41 5.27 3.66
C SER C 35 -3.53 5.58 4.88
N ALA C 36 -3.21 4.57 5.68
CA ALA C 36 -2.38 4.79 6.86
C ALA C 36 -0.99 5.28 6.50
N ALA C 37 -0.42 4.72 5.44
CA ALA C 37 0.95 5.04 5.07
C ALA C 37 1.02 6.49 4.59
N SER C 38 -0.02 6.90 3.88
CA SER C 38 -0.11 8.28 3.38
C SER C 38 -0.31 9.27 4.53
N VAL C 39 -1.11 8.91 5.51
CA VAL C 39 -1.31 9.76 6.69
C VAL C 39 -0.01 9.91 7.47
N ALA C 40 0.75 8.82 7.65
CA ALA C 40 2.02 8.93 8.37
C ALA C 40 2.97 9.89 7.63
N ALA C 41 3.02 9.75 6.31
CA ALA C 41 3.92 10.59 5.51
C ALA C 41 3.57 12.07 5.65
N ALA C 42 2.28 12.38 5.55
CA ALA C 42 1.81 13.77 5.64
C ALA C 42 2.09 14.34 7.03
N THR C 43 1.80 13.52 8.02
CA THR C 43 2.02 13.93 9.40
C THR C 43 3.49 14.22 9.66
N ALA C 44 4.38 13.39 9.14
CA ALA C 44 5.81 13.62 9.26
C ALA C 44 6.20 14.93 8.58
N ALA C 45 5.69 15.16 7.37
CA ALA C 45 5.96 16.42 6.66
C ALA C 45 5.47 17.64 7.44
N ASP C 46 4.31 17.54 8.07
CA ASP C 46 3.77 18.63 8.87
C ASP C 46 4.66 18.91 10.08
N ASP C 47 5.22 17.85 10.66
CA ASP C 47 6.15 17.99 11.81
CA ASP C 47 6.09 18.01 11.81
C ASP C 47 7.44 18.65 11.40
N ALA C 48 7.94 18.33 10.20
CA ALA C 48 9.15 19.00 9.73
C ALA C 48 8.90 20.50 9.57
N ALA C 49 7.75 20.85 9.00
CA ALA C 49 7.38 22.24 8.81
C ALA C 49 7.25 22.97 10.15
N ALA C 50 6.66 22.29 11.12
CA ALA C 50 6.47 22.89 12.43
C ALA C 50 7.83 23.10 13.12
N SER C 51 8.75 22.15 13.01
CA SER C 51 10.08 22.31 13.57
CA SER C 51 10.08 22.33 13.58
C SER C 51 10.73 23.55 12.95
N ILE C 52 10.51 23.76 11.66
CA ILE C 52 11.13 24.88 10.97
C ILE C 52 10.55 26.19 11.44
N ALA C 53 9.22 26.22 11.65
CA ALA C 53 8.58 27.44 12.14
C ALA C 53 9.12 27.80 13.52
N THR C 54 9.41 26.77 14.31
CA THR C 54 9.91 26.96 15.67
C THR C 54 11.30 27.60 15.63
N ILE C 55 12.17 27.10 14.77
CA ILE C 55 13.51 27.64 14.61
C ILE C 55 13.46 29.10 14.16
N ASN C 56 12.60 29.40 13.19
CA ASN C 56 12.45 30.76 12.69
C ASN C 56 11.93 31.73 13.77
N ALA C 57 10.98 31.25 14.55
CA ALA C 57 10.50 32.03 15.68
C ALA C 57 11.63 32.33 16.67
N ALA C 58 12.44 31.32 16.98
CA ALA C 58 13.49 31.50 17.98
C ALA C 58 14.52 32.49 17.46
N SER C 59 14.84 32.35 16.19
CA SER C 59 15.84 33.19 15.56
C SER C 59 15.35 34.63 15.48
N ALA C 60 14.07 34.82 15.13
CA ALA C 60 13.52 36.19 15.10
C ALA C 60 13.58 36.79 16.50
N ALA C 61 13.25 36.01 17.51
CA ALA C 61 13.30 36.54 18.88
C ALA C 61 14.73 36.92 19.25
N ALA C 62 15.67 36.02 18.97
CA ALA C 62 17.08 36.30 19.26
C ALA C 62 17.56 37.57 18.55
N LYS C 63 17.11 37.80 17.31
CA LYS C 63 17.59 38.98 16.54
C LYS C 63 17.07 40.29 17.14
N SER C 64 15.86 40.24 17.65
CA SER C 64 15.28 41.36 18.36
C SER C 64 16.07 41.70 19.63
N ILE C 65 16.28 40.68 20.46
N ILE C 65 16.29 40.69 20.47
CA ILE C 65 17.06 40.82 21.70
CA ILE C 65 17.05 40.89 21.71
C ILE C 65 18.42 41.44 21.42
C ILE C 65 18.45 41.41 21.46
N ALA C 66 19.10 40.94 20.39
CA ALA C 66 20.44 41.39 20.07
C ALA C 66 20.41 42.83 19.57
N ALA C 67 19.36 43.18 18.82
CA ALA C 67 19.18 44.56 18.39
C ALA C 67 18.98 45.50 19.56
N ALA C 68 18.19 45.10 20.56
CA ALA C 68 17.96 45.95 21.71
C ALA C 68 19.28 46.11 22.48
N ALA C 69 20.02 45.02 22.62
CA ALA C 69 21.29 45.11 23.33
C ALA C 69 22.27 45.99 22.59
N ALA C 70 22.24 45.97 21.26
CA ALA C 70 23.20 46.79 20.53
C ALA C 70 22.85 48.28 20.69
N MET C 71 21.55 48.60 20.68
CA MET C 71 21.14 50.01 20.91
C MET C 71 21.51 50.44 22.32
N ALA C 72 21.28 49.59 23.30
CA ALA C 72 21.67 49.89 24.68
C ALA C 72 23.16 50.24 24.78
N ALA C 73 24.01 49.41 24.19
CA ALA C 73 25.46 49.59 24.31
C ALA C 73 25.90 50.86 23.56
N LYS C 74 25.22 51.14 22.44
CA LYS C 74 25.51 52.31 21.62
C LYS C 74 25.14 53.56 22.39
N ASP C 75 23.95 53.57 22.99
CA ASP C 75 23.49 54.73 23.77
C ASP C 75 24.37 54.94 25.01
N THR C 76 24.77 53.84 25.64
CA THR C 76 25.59 53.89 26.84
C THR C 76 26.98 54.48 26.53
N ALA C 77 27.55 54.08 25.40
CA ALA C 77 28.85 54.62 25.02
C ALA C 77 28.73 56.09 24.65
N ALA C 78 27.66 56.43 23.94
CA ALA C 78 27.46 57.82 23.54
C ALA C 78 27.33 58.71 24.76
N ALA C 79 26.54 58.28 25.73
CA ALA C 79 26.39 59.04 26.99
C ALA C 79 27.73 59.18 27.73
N ALA C 80 28.51 58.11 27.78
CA ALA C 80 29.82 58.18 28.47
C ALA C 80 30.77 59.17 27.79
N ALA C 81 30.75 59.13 26.46
CA ALA C 81 31.61 60.00 25.67
C ALA C 81 31.19 61.45 25.86
N SER C 82 29.89 61.69 25.92
CA SER C 82 29.44 63.07 26.13
C SER C 82 29.83 63.58 27.53
N ALA C 83 29.66 62.74 28.54
CA ALA C 83 30.06 63.07 29.91
C ALA C 83 31.56 63.35 30.01
N ALA C 84 32.36 62.54 29.32
CA ALA C 84 33.80 62.73 29.39
C ALA C 84 34.20 64.03 28.67
N ALA C 85 33.58 64.35 27.55
CA ALA C 85 33.88 65.61 26.84
C ALA C 85 33.48 66.82 27.69
N ALA C 86 32.40 66.72 28.44
CA ALA C 86 31.98 67.83 29.32
C ALA C 86 32.99 68.05 30.43
N ALA C 87 33.54 66.97 30.97
CA ALA C 87 34.53 67.14 32.05
C ALA C 87 35.81 67.73 31.50
N VAL C 88 36.16 67.35 30.29
CA VAL C 88 37.40 67.83 29.71
C VAL C 88 37.30 69.34 29.49
N ALA C 89 36.15 69.75 28.97
CA ALA C 89 35.95 71.16 28.67
C ALA C 89 35.88 71.98 29.95
N SER C 90 35.14 71.53 30.94
CA SER C 90 34.96 72.28 32.17
CA SER C 90 34.97 72.30 32.16
C SER C 90 36.29 72.38 32.92
N ALA C 91 37.08 71.30 32.87
CA ALA C 91 38.39 71.33 33.51
C ALA C 91 39.29 72.40 32.87
N ALA C 92 39.33 72.43 31.55
CA ALA C 92 40.26 73.33 30.85
C ALA C 92 39.91 74.77 31.17
N LYS C 93 38.62 75.08 31.15
CA LYS C 93 38.14 76.44 31.38
C LYS C 93 38.46 76.88 32.81
N ALA C 94 38.20 76.01 33.78
CA ALA C 94 38.43 76.39 35.17
C ALA C 94 39.92 76.69 35.41
N LEU C 95 40.80 75.96 34.74
CA LEU C 95 42.24 76.10 35.02
C LEU C 95 42.76 77.43 34.44
N GLU C 96 42.04 77.98 33.48
CA GLU C 96 42.49 79.23 32.86
C GLU C 96 42.61 80.32 33.89
N THR C 97 41.76 80.28 34.92
CA THR C 97 41.79 81.36 35.91
C THR C 97 42.49 80.99 37.19
N ILE C 98 43.23 79.87 37.19
CA ILE C 98 44.09 79.52 38.32
C ILE C 98 45.50 80.02 38.02
N ASN C 99 46.07 80.78 38.96
CA ASN C 99 47.36 81.43 38.76
C ASN C 99 48.38 81.09 39.86
N VAL C 100 48.01 80.18 40.75
CA VAL C 100 48.95 79.72 41.76
C VAL C 100 49.38 78.29 41.41
N LYS C 101 50.69 78.06 41.43
CA LYS C 101 51.22 76.80 40.90
C LYS C 101 50.72 75.59 41.68
N ALA C 102 50.84 75.59 43.01
CA ALA C 102 50.40 74.44 43.79
C ALA C 102 48.93 74.11 43.54
N ALA C 103 48.15 75.16 43.29
CA ALA C 103 46.71 75.02 43.10
C ALA C 103 46.44 74.44 41.72
N TYR C 104 47.24 74.85 40.74
CA TYR C 104 47.11 74.38 39.38
C TYR C 104 47.43 72.88 39.35
N ALA C 105 48.53 72.51 40.01
CA ALA C 105 48.89 71.10 40.15
C ALA C 105 47.81 70.30 40.88
N ALA C 106 47.24 70.84 41.95
CA ALA C 106 46.24 70.07 42.69
C ALA C 106 44.99 69.82 41.81
N ALA C 107 44.54 70.87 41.13
CA ALA C 107 43.38 70.72 40.24
C ALA C 107 43.64 69.72 39.11
N THR C 108 44.84 69.75 38.55
CA THR C 108 45.21 68.83 37.47
C THR C 108 45.23 67.39 37.98
N THR C 109 45.75 67.20 39.19
CA THR C 109 45.82 65.87 39.81
C THR C 109 44.42 65.32 40.05
N ALA C 110 43.58 66.16 40.63
CA ALA C 110 42.18 65.83 40.81
C ALA C 110 41.51 65.50 39.47
N ASN C 111 41.75 66.29 38.41
CA ASN C 111 41.11 66.04 37.12
C ASN C 111 41.52 64.67 36.59
N THR C 112 42.79 64.32 36.78
CA THR C 112 43.30 63.01 36.35
C THR C 112 42.60 61.89 37.10
N ALA C 113 42.47 62.05 38.41
CA ALA C 113 41.85 60.99 39.19
C ALA C 113 40.38 60.83 38.83
N ALA C 114 39.70 61.96 38.62
CA ALA C 114 38.27 61.91 38.31
C ALA C 114 38.02 61.21 36.99
N ALA C 115 38.89 61.48 36.02
CA ALA C 115 38.73 60.90 34.69
C ALA C 115 39.07 59.42 34.75
N ALA C 116 40.05 59.07 35.57
CA ALA C 116 40.42 57.66 35.71
C ALA C 116 39.29 56.88 36.33
N ALA C 117 38.64 57.46 37.34
CA ALA C 117 37.58 56.73 38.01
C ALA C 117 36.39 56.54 37.04
N ALA C 118 36.03 57.60 36.32
CA ALA C 118 34.93 57.46 35.33
C ALA C 118 35.28 56.46 34.22
N ALA C 119 36.52 56.49 33.72
CA ALA C 119 36.88 55.60 32.61
C ALA C 119 36.86 54.13 33.07
N THR C 120 37.45 53.89 34.24
CA THR C 120 37.48 52.57 34.84
C THR C 120 36.06 52.01 35.04
N ALA C 121 35.18 52.82 35.61
CA ALA C 121 33.81 52.39 35.85
C ALA C 121 33.04 52.13 34.54
N THR C 122 33.31 52.94 33.51
CA THR C 122 32.64 52.78 32.21
C THR C 122 33.09 51.44 31.61
N THR C 123 34.38 51.15 31.73
CA THR C 123 34.92 49.88 31.27
C THR C 123 34.30 48.70 32.02
N ALA C 124 34.20 48.78 33.35
CA ALA C 124 33.65 47.66 34.11
C ALA C 124 32.19 47.43 33.75
N ALA C 125 31.45 48.52 33.58
CA ALA C 125 30.02 48.41 33.30
C ALA C 125 29.78 47.75 31.96
N ALA C 126 30.57 48.13 30.96
CA ALA C 126 30.39 47.62 29.62
C ALA C 126 30.72 46.13 29.62
N ALA C 127 31.76 45.78 30.37
CA ALA C 127 32.16 44.39 30.46
C ALA C 127 31.07 43.54 31.09
N ALA C 128 30.46 44.02 32.16
CA ALA C 128 29.40 43.26 32.81
C ALA C 128 28.17 43.12 31.90
N ALA C 129 27.82 44.21 31.21
CA ALA C 129 26.66 44.16 30.30
C ALA C 129 26.92 43.19 29.16
N ALA C 130 28.13 43.22 28.62
CA ALA C 130 28.46 42.33 27.51
C ALA C 130 28.41 40.86 27.94
N LYS C 131 29.01 40.52 29.09
CA LYS C 131 28.88 39.15 29.61
C LYS C 131 27.41 38.71 29.83
N ALA C 132 26.61 39.54 30.48
CA ALA C 132 25.20 39.21 30.69
C ALA C 132 24.46 38.97 29.36
N THR C 133 24.75 39.81 28.37
CA THR C 133 24.14 39.63 27.03
C THR C 133 24.54 38.27 26.43
N ILE C 134 25.81 37.90 26.59
CA ILE C 134 26.31 36.66 26.03
CA ILE C 134 26.34 36.66 26.05
C ILE C 134 25.70 35.47 26.74
N ASP C 135 25.60 35.57 28.05
CA ASP C 135 25.01 34.49 28.85
C ASP C 135 23.53 34.28 28.51
N ASN C 136 22.78 35.37 28.40
CA ASN C 136 21.35 35.28 28.11
C ASN C 136 21.11 34.63 26.76
N ALA C 137 21.95 34.97 25.80
CA ALA C 137 21.82 34.38 24.47
C ALA C 137 22.11 32.88 24.51
N ALA C 138 23.12 32.50 25.29
CA ALA C 138 23.47 31.08 25.37
C ALA C 138 22.36 30.31 26.03
N ALA C 139 21.75 30.91 27.05
CA ALA C 139 20.70 30.19 27.78
C ALA C 139 19.42 30.04 26.93
N ALA C 140 19.06 31.10 26.20
CA ALA C 140 17.91 31.02 25.29
C ALA C 140 18.14 29.96 24.21
N LYS C 141 19.33 29.89 23.66
CA LYS C 141 19.59 28.92 22.61
C LYS C 141 19.55 27.50 23.20
N ALA C 142 20.18 27.31 24.35
CA ALA C 142 20.22 25.97 24.93
C ALA C 142 18.82 25.48 25.33
N ALA C 143 17.95 26.40 25.73
CA ALA C 143 16.57 26.03 26.04
C ALA C 143 15.82 25.64 24.78
N ALA C 144 16.07 26.37 23.69
CA ALA C 144 15.42 26.05 22.41
C ALA C 144 15.80 24.67 21.91
N VAL C 145 17.08 24.34 22.06
CA VAL C 145 17.62 23.06 21.61
C VAL C 145 17.06 21.93 22.46
N ALA C 146 16.98 22.12 23.77
CA ALA C 146 16.39 21.10 24.63
C ALA C 146 14.90 20.86 24.34
N THR C 147 14.15 21.94 24.08
CA THR C 147 12.73 21.83 23.77
C THR C 147 12.54 21.11 22.44
N ALA C 148 13.42 21.38 21.49
CA ALA C 148 13.35 20.74 20.17
C ALA C 148 13.61 19.23 20.29
N VAL C 149 14.57 18.85 21.14
CA VAL C 149 14.84 17.44 21.34
C VAL C 149 13.71 16.75 22.07
N SER C 150 13.12 17.46 23.03
CA SER C 150 12.00 16.91 23.77
C SER C 150 10.80 16.74 22.80
N ASP C 151 10.54 17.76 21.97
CA ASP C 151 9.41 17.67 21.01
C ASP C 151 9.63 16.54 19.99
N ALA C 152 10.89 16.31 19.62
CA ALA C 152 11.16 15.25 18.64
C ALA C 152 10.89 13.88 19.26
N ALA C 153 11.20 13.75 20.55
CA ALA C 153 10.94 12.46 21.23
C ALA C 153 9.45 12.18 21.30
N ALA C 154 8.66 13.22 21.52
CA ALA C 154 7.21 13.09 21.64
C ALA C 154 6.60 12.69 20.28
N THR C 155 7.00 13.43 19.25
CA THR C 155 6.61 13.14 17.86
C THR C 155 6.97 11.68 17.50
N ALA C 156 8.17 11.24 17.87
CA ALA C 156 8.57 9.84 17.60
C ALA C 156 7.71 8.86 18.37
N ALA C 157 7.41 9.16 19.63
CA ALA C 157 6.60 8.22 20.44
C ALA C 157 5.22 8.05 19.82
N THR C 158 4.61 9.16 19.41
CA THR C 158 3.32 9.11 18.75
C THR C 158 3.42 8.28 17.46
N ALA C 159 4.45 8.51 16.65
CA ALA C 159 4.55 7.78 15.38
C ALA C 159 4.71 6.29 15.63
N ALA C 160 5.51 5.95 16.64
CA ALA C 160 5.75 4.54 16.95
C ALA C 160 4.47 3.83 17.39
N ALA C 161 3.66 4.51 18.20
CA ALA C 161 2.40 3.90 18.69
C ALA C 161 1.41 3.78 17.53
N VAL C 162 1.35 4.80 16.67
CA VAL C 162 0.44 4.72 15.51
C VAL C 162 0.85 3.57 14.61
N ALA C 163 2.16 3.43 14.38
CA ALA C 163 2.64 2.40 13.46
C ALA C 163 2.32 1.04 14.04
N ALA C 164 2.60 0.89 15.32
CA ALA C 164 2.34 -0.39 15.96
C ALA C 164 0.87 -0.78 15.92
N ALA C 165 -0.01 0.20 16.10
CA ALA C 165 -1.45 -0.07 16.14
C ALA C 165 -1.95 -0.43 14.74
N THR C 166 -1.37 0.22 13.75
CA THR C 166 -1.71 -0.08 12.34
C THR C 166 -1.30 -1.51 11.99
N LEU C 167 -0.05 -1.88 12.29
CA LEU C 167 0.40 -3.22 11.97
C LEU C 167 -0.41 -4.24 12.79
N GLU C 168 -0.73 -3.90 14.05
CA GLU C 168 -1.50 -4.83 14.90
C GLU C 168 -2.88 -5.13 14.30
N ALA C 169 -3.60 -4.08 13.95
CA ALA C 169 -4.94 -4.29 13.37
C ALA C 169 -4.88 -5.09 12.07
N ALA C 170 -3.86 -4.86 11.24
CA ALA C 170 -3.76 -5.56 9.97
C ALA C 170 -3.48 -7.05 10.19
N ALA C 171 -2.61 -7.36 11.13
CA ALA C 171 -2.21 -8.74 11.36
C ALA C 171 -3.39 -9.51 11.93
N ALA C 172 -4.17 -8.86 12.79
CA ALA C 172 -5.33 -9.55 13.38
C ALA C 172 -6.38 -9.77 12.27
N LYS C 173 -6.54 -8.78 11.42
CA LYS C 173 -7.53 -8.89 10.34
C LYS C 173 -7.14 -9.99 9.37
N ALA C 174 -5.86 -10.07 9.05
CA ALA C 174 -5.39 -11.13 8.16
C ALA C 174 -5.62 -12.50 8.81
N ALA C 175 -5.36 -12.61 10.10
CA ALA C 175 -5.55 -13.90 10.75
C ALA C 175 -7.03 -14.30 10.73
N ALA C 176 -7.91 -13.33 11.00
CA ALA C 176 -9.33 -13.61 11.08
C ALA C 176 -9.88 -13.95 9.70
N THR C 177 -9.33 -13.31 8.70
CA THR C 177 -9.73 -13.60 7.30
C THR C 177 -9.34 -15.03 6.95
N ALA C 178 -8.15 -15.44 7.35
CA ALA C 178 -7.72 -16.80 7.10
C ALA C 178 -8.56 -17.82 7.88
N VAL C 179 -8.96 -17.50 9.11
CA VAL C 179 -9.80 -18.42 9.91
C VAL C 179 -11.11 -18.68 9.17
N SER C 180 -11.73 -17.61 8.73
CA SER C 180 -12.99 -17.73 8.00
C SER C 180 -12.83 -18.60 6.73
N ALA C 181 -11.75 -18.38 5.97
CA ALA C 181 -11.59 -19.09 4.69
C ALA C 181 -11.37 -20.59 4.93
N ALA C 182 -10.59 -20.92 5.96
CA ALA C 182 -10.34 -22.34 6.25
C ALA C 182 -11.63 -23.03 6.72
N ALA C 183 -12.47 -22.32 7.46
CA ALA C 183 -13.72 -22.91 7.94
C ALA C 183 -14.68 -23.15 6.77
N ALA C 184 -14.80 -22.17 5.88
CA ALA C 184 -15.68 -22.31 4.73
C ALA C 184 -15.23 -23.45 3.83
N ALA C 185 -13.92 -23.63 3.69
CA ALA C 185 -13.42 -24.67 2.81
C ALA C 185 -13.65 -26.04 3.41
N ALA C 186 -13.41 -26.14 4.72
CA ALA C 186 -13.69 -27.41 5.42
C ALA C 186 -15.15 -27.80 5.27
N ALA C 187 -16.04 -26.83 5.40
CA ALA C 187 -17.47 -27.12 5.36
C ALA C 187 -17.87 -27.56 3.96
N ALA C 188 -17.30 -26.90 2.95
CA ALA C 188 -17.58 -27.29 1.57
C ALA C 188 -17.10 -28.69 1.28
N ALA C 189 -15.93 -29.06 1.79
CA ALA C 189 -15.43 -30.40 1.57
C ALA C 189 -16.30 -31.46 2.24
N ILE C 190 -16.85 -31.13 3.41
CA ILE C 190 -17.73 -32.08 4.12
C ILE C 190 -18.97 -32.34 3.25
N ALA C 191 -19.53 -31.28 2.67
CA ALA C 191 -20.74 -31.42 1.87
C ALA C 191 -20.46 -32.26 0.62
N PHE C 192 -19.31 -32.02 -0.01
CA PHE C 192 -18.91 -32.84 -1.16
C PHE C 192 -18.75 -34.31 -0.81
N ALA C 193 -18.07 -34.58 0.30
CA ALA C 193 -17.77 -35.96 0.66
C ALA C 193 -19.07 -36.69 1.07
N ALA C 194 -20.05 -35.93 1.56
CA ALA C 194 -21.28 -36.46 2.11
C ALA C 194 -22.25 -36.73 0.99
N ALA C 195 -22.08 -36.05 -0.14
CA ALA C 195 -22.99 -36.28 -1.28
C ALA C 195 -22.92 -37.73 -1.77
N PRO C 196 -24.09 -38.29 -2.13
CA PRO C 196 -24.09 -39.64 -2.71
C PRO C 196 -23.11 -39.78 -3.87
#